data_4M5H
#
_entry.id   4M5H
#
_cell.length_a   35.775
_cell.length_b   57.588
_cell.length_c   38.464
_cell.angle_alpha   90.00
_cell.angle_beta   115.41
_cell.angle_gamma   90.00
#
_symmetry.space_group_name_H-M   'P 1 21 1'
#
loop_
_entity.id
_entity.type
_entity.pdbx_description
1 polymer '2-amino-4-hydroxy-6-hydroxymethyldihydropteridine pyrophosphokinase'
2 non-polymer 'DIPHOSPHOMETHYLPHOSPHONIC ACID ADENOSYL ESTER'
3 non-polymer 4-{[(2-amino-6-oxo-6,9-dihydro-1H-purin-8-yl)sulfanyl]methyl}benzonitrile
4 non-polymer 'CALCIUM ION'
5 non-polymer 'CHLORIDE ION'
6 water water
#
_entity_poly.entity_id   1
_entity_poly.type   'polypeptide(L)'
_entity_poly.pdbx_seq_one_letter_code
;GSHMTVAYIAIGSNLASPLEQVNAALKALGDIPESHILTVSSFYRTPPLGPQDQPDYLNAAVALETSLAPEELLNHTQRI
ELQQGRVRKAERWGPRTLDLDIMLFGNEVINTERLTVPHYDMKNRGFMLWPLFEIAPELVFPDGEMLRQILHTRAFDKLN
KW
;
_entity_poly.pdbx_strand_id   A
#
# COMPACT_ATOMS: atom_id res chain seq x y z
N MET A 4 -4.00 -15.89 12.63
CA MET A 4 -3.45 -14.62 12.16
C MET A 4 -2.83 -14.76 10.78
N THR A 5 -3.07 -13.75 9.96
CA THR A 5 -2.48 -13.65 8.63
C THR A 5 -1.71 -12.35 8.58
N VAL A 6 -0.62 -12.29 7.84
CA VAL A 6 0.03 -11.01 7.62
C VAL A 6 -0.43 -10.42 6.30
N ALA A 7 -1.05 -9.26 6.38
CA ALA A 7 -1.43 -8.48 5.21
C ALA A 7 -0.37 -7.41 4.99
N TYR A 8 -0.17 -7.06 3.73
CA TYR A 8 0.76 -6.00 3.37
C TYR A 8 -0.02 -4.92 2.66
N ILE A 9 0.07 -3.71 3.20
CA ILE A 9 -0.70 -2.58 2.74
C ILE A 9 0.24 -1.51 2.19
N ALA A 10 -0.03 -1.07 0.97
CA ALA A 10 0.68 0.05 0.37
C ALA A 10 0.01 1.34 0.79
N ILE A 11 0.82 2.35 1.07
CA ILE A 11 0.33 3.68 1.43
C ILE A 11 0.83 4.67 0.41
N GLY A 12 -0.07 5.53 -0.06
CA GLY A 12 0.29 6.64 -0.92
C GLY A 12 -0.46 7.89 -0.51
N SER A 13 0.19 9.04 -0.65
CA SER A 13 -0.44 10.33 -0.44
C SER A 13 0.29 11.37 -1.25
N ASN A 14 -0.45 12.25 -1.94
CA ASN A 14 0.20 13.38 -2.60
C ASN A 14 -0.57 14.69 -2.45
N LEU A 15 -1.48 14.76 -1.48
CA LEU A 15 -2.21 15.99 -1.19
C LEU A 15 -2.25 16.26 0.30
N ALA A 16 -2.37 17.55 0.65
CA ALA A 16 -2.68 17.99 2.00
C ALA A 16 -1.66 17.50 3.03
N SER A 17 -0.39 17.74 2.71
CA SER A 17 0.75 17.40 3.55
CA SER A 17 0.76 17.39 3.54
C SER A 17 0.91 15.88 3.71
N PRO A 18 1.46 15.22 2.68
CA PRO A 18 1.59 13.76 2.70
C PRO A 18 2.25 13.19 3.96
N LEU A 19 3.27 13.84 4.53
CA LEU A 19 3.87 13.29 5.73
C LEU A 19 2.85 13.25 6.88
N GLU A 20 2.06 14.30 7.02
CA GLU A 20 1.02 14.33 8.04
C GLU A 20 -0.04 13.28 7.77
N GLN A 21 -0.44 13.12 6.51
CA GLN A 21 -1.44 12.13 6.16
C GLN A 21 -0.95 10.72 6.48
N VAL A 22 0.30 10.43 6.14
CA VAL A 22 0.80 9.07 6.33
C VAL A 22 1.02 8.77 7.82
N ASN A 23 1.53 9.73 8.59
CA ASN A 23 1.65 9.52 10.02
C ASN A 23 0.28 9.30 10.67
N ALA A 24 -0.71 10.08 10.26
CA ALA A 24 -2.06 9.88 10.77
C ALA A 24 -2.59 8.49 10.38
N ALA A 25 -2.26 8.04 9.18
CA ALA A 25 -2.72 6.75 8.70
C ALA A 25 -2.12 5.63 9.54
N LEU A 26 -0.87 5.78 9.95
CA LEU A 26 -0.22 4.75 10.77
C LEU A 26 -0.93 4.60 12.12
N LYS A 27 -1.33 5.72 12.70
CA LYS A 27 -2.09 5.67 13.94
C LYS A 27 -3.42 4.95 13.73
N ALA A 28 -4.10 5.29 12.64
CA ALA A 28 -5.40 4.69 12.36
C ALA A 28 -5.27 3.21 12.04
N LEU A 29 -4.24 2.83 11.29
CA LEU A 29 -4.00 1.42 11.01
C LEU A 29 -3.81 0.63 12.31
N GLY A 30 -3.10 1.21 13.27
CA GLY A 30 -2.91 0.56 14.56
C GLY A 30 -4.24 0.31 15.27
N ASP A 31 -5.20 1.20 15.05
CA ASP A 31 -6.50 1.12 15.69
C ASP A 31 -7.50 0.20 15.00
N ILE A 32 -7.12 -0.40 13.88
CA ILE A 32 -7.95 -1.42 13.26
C ILE A 32 -8.05 -2.61 14.22
N PRO A 33 -9.29 -3.10 14.45
CA PRO A 33 -9.45 -4.22 15.40
C PRO A 33 -8.91 -5.54 14.85
N GLU A 34 -8.63 -6.46 15.77
CA GLU A 34 -8.11 -7.79 15.45
C GLU A 34 -6.80 -7.73 14.65
N SER A 35 -6.04 -6.65 14.84
CA SER A 35 -4.92 -6.37 13.97
C SER A 35 -3.80 -5.64 14.70
N HIS A 36 -2.56 -5.87 14.28
CA HIS A 36 -1.39 -5.22 14.84
C HIS A 36 -0.40 -4.92 13.73
N ILE A 37 0.16 -3.71 13.71
CA ILE A 37 1.24 -3.39 12.79
C ILE A 37 2.51 -4.11 13.24
N LEU A 38 3.11 -4.86 12.32
CA LEU A 38 4.39 -5.50 12.57
C LEU A 38 5.55 -4.65 12.09
N THR A 39 5.43 -3.97 10.98
CA THR A 39 6.59 -3.33 10.38
C THR A 39 6.14 -2.16 9.53
N VAL A 40 6.91 -1.08 9.58
CA VAL A 40 6.67 0.10 8.75
C VAL A 40 7.92 0.33 7.91
N SER A 41 7.74 0.54 6.61
CA SER A 41 8.87 0.89 5.74
C SER A 41 9.34 2.32 5.96
N SER A 42 10.45 2.67 5.32
CA SER A 42 10.79 4.06 5.12
C SER A 42 9.71 4.74 4.29
N PHE A 43 9.72 6.07 4.33
CA PHE A 43 8.87 6.86 3.48
C PHE A 43 9.68 7.26 2.25
N TYR A 44 9.08 7.16 1.07
CA TYR A 44 9.75 7.44 -0.20
C TYR A 44 9.04 8.54 -0.95
N ARG A 45 9.80 9.46 -1.55
CA ARG A 45 9.25 10.52 -2.39
C ARG A 45 9.34 10.08 -3.83
N THR A 46 8.20 9.82 -4.46
CA THR A 46 8.20 9.17 -5.76
C THR A 46 7.49 10.01 -6.80
N PRO A 47 8.03 10.05 -8.02
CA PRO A 47 7.37 10.81 -9.08
C PRO A 47 6.06 10.12 -9.48
N PRO A 48 5.03 10.92 -9.81
CA PRO A 48 3.74 10.31 -10.11
C PRO A 48 3.76 9.53 -11.40
N LEU A 49 3.21 8.32 -11.35
CA LEU A 49 3.08 7.49 -12.55
C LEU A 49 1.61 7.46 -12.99
N GLY A 50 1.40 7.33 -14.30
CA GLY A 50 0.10 7.55 -14.88
C GLY A 50 -0.02 9.03 -15.18
N PRO A 51 -1.07 9.69 -14.69
CA PRO A 51 -1.09 11.15 -14.82
C PRO A 51 0.07 11.76 -14.04
N GLN A 52 0.77 12.68 -14.68
CA GLN A 52 1.98 13.26 -14.10
C GLN A 52 1.82 14.71 -13.65
N ASP A 53 0.65 15.29 -13.93
CA ASP A 53 0.35 16.67 -13.57
C ASP A 53 -0.22 16.73 -12.15
N GLN A 54 0.56 16.24 -11.20
CA GLN A 54 0.18 16.21 -9.81
C GLN A 54 1.45 16.22 -8.97
N PRO A 55 1.34 16.51 -7.67
CA PRO A 55 2.53 16.49 -6.82
C PRO A 55 3.11 15.10 -6.66
N ASP A 56 4.39 15.05 -6.28
CA ASP A 56 5.03 13.79 -5.96
C ASP A 56 4.31 13.08 -4.82
N TYR A 57 4.39 11.75 -4.83
CA TYR A 57 3.81 10.92 -3.78
C TYR A 57 4.78 10.67 -2.64
N LEU A 58 4.22 10.54 -1.43
CA LEU A 58 4.88 9.79 -0.38
C LEU A 58 4.32 8.37 -0.50
N ASN A 59 5.20 7.40 -0.74
CA ASN A 59 4.83 5.99 -0.74
C ASN A 59 5.53 5.23 0.38
N ALA A 60 4.81 4.25 0.93
CA ALA A 60 5.34 3.41 1.99
C ALA A 60 4.59 2.08 1.95
N ALA A 61 5.00 1.18 2.84
CA ALA A 61 4.31 -0.09 3.01
C ALA A 61 4.31 -0.46 4.49
N VAL A 62 3.27 -1.18 4.89
CA VAL A 62 3.21 -1.73 6.24
CA VAL A 62 3.10 -1.68 6.24
C VAL A 62 2.78 -3.17 6.22
N ALA A 63 3.33 -3.91 7.18
CA ALA A 63 2.92 -5.28 7.44
C ALA A 63 1.95 -5.24 8.62
N LEU A 64 0.76 -5.80 8.43
CA LEU A 64 -0.30 -5.78 9.43
C LEU A 64 -0.74 -7.21 9.70
N GLU A 65 -0.48 -7.70 10.90
CA GLU A 65 -0.97 -9.02 11.29
C GLU A 65 -2.42 -8.88 11.68
N THR A 66 -3.28 -9.77 11.17
CA THR A 66 -4.71 -9.60 11.39
C THR A 66 -5.47 -10.92 11.43
N SER A 67 -6.56 -10.94 12.19
CA SER A 67 -7.51 -12.04 12.09
C SER A 67 -8.83 -11.61 11.46
N LEU A 68 -8.86 -10.39 10.91
CA LEU A 68 -10.02 -9.94 10.15
C LEU A 68 -10.14 -10.73 8.87
N ALA A 69 -11.37 -10.87 8.39
CA ALA A 69 -11.58 -11.32 7.02
C ALA A 69 -11.03 -10.25 6.07
N PRO A 70 -10.58 -10.66 4.86
CA PRO A 70 -10.01 -9.68 3.92
C PRO A 70 -10.92 -8.48 3.63
N GLU A 71 -12.20 -8.72 3.40
CA GLU A 71 -13.11 -7.60 3.13
C GLU A 71 -13.37 -6.75 4.35
N GLU A 72 -13.25 -7.34 5.54
CA GLU A 72 -13.33 -6.58 6.79
CA GLU A 72 -13.36 -6.57 6.76
C GLU A 72 -12.15 -5.63 6.90
N LEU A 73 -10.97 -6.09 6.50
CA LEU A 73 -9.82 -5.22 6.48
C LEU A 73 -10.04 -4.06 5.49
N LEU A 74 -10.54 -4.38 4.30
CA LEU A 74 -10.87 -3.36 3.32
C LEU A 74 -11.86 -2.33 3.87
N ASN A 75 -12.85 -2.81 4.63
CA ASN A 75 -13.79 -1.87 5.25
C ASN A 75 -13.06 -0.79 6.03
N HIS A 76 -12.09 -1.23 6.84
CA HIS A 76 -11.33 -0.31 7.67
C HIS A 76 -10.40 0.58 6.87
N THR A 77 -9.71 0.03 5.87
CA THR A 77 -8.83 0.88 5.09
C THR A 77 -9.61 1.95 4.32
N GLN A 78 -10.77 1.58 3.76
CA GLN A 78 -11.61 2.58 3.09
C GLN A 78 -12.11 3.64 4.10
N ARG A 79 -12.51 3.20 5.28
CA ARG A 79 -12.96 4.13 6.30
C ARG A 79 -11.88 5.15 6.61
N ILE A 80 -10.65 4.67 6.80
CA ILE A 80 -9.53 5.55 7.13
C ILE A 80 -9.28 6.59 6.02
N GLU A 81 -9.28 6.14 4.77
CA GLU A 81 -9.14 7.05 3.64
CA GLU A 81 -9.13 7.06 3.65
C GLU A 81 -10.21 8.15 3.68
N LEU A 82 -11.46 7.73 3.85
CA LEU A 82 -12.56 8.68 3.86
C LEU A 82 -12.48 9.64 5.05
N GLN A 83 -12.06 9.13 6.20
CA GLN A 83 -11.94 9.95 7.39
C GLN A 83 -10.77 10.93 7.29
N GLN A 84 -9.82 10.64 6.40
CA GLN A 84 -8.71 11.55 6.11
C GLN A 84 -8.97 12.37 4.86
N GLY A 85 -10.24 12.52 4.54
CA GLY A 85 -10.65 13.51 3.59
C GLY A 85 -10.51 13.14 2.13
N ARG A 86 -10.31 11.87 1.84
CA ARG A 86 -10.27 11.46 0.45
C ARG A 86 -11.59 11.74 -0.24
N VAL A 87 -11.51 12.47 -1.35
CA VAL A 87 -12.65 12.88 -2.14
C VAL A 87 -12.50 12.29 -3.55
N ARG A 88 -13.57 11.70 -4.05
CA ARG A 88 -13.55 11.15 -5.39
C ARG A 88 -13.87 12.22 -6.43
N LYS A 89 -12.96 12.42 -7.36
CA LYS A 89 -13.21 13.30 -8.49
C LYS A 89 -13.32 12.48 -9.78
N ALA A 90 -13.64 13.16 -10.87
CA ALA A 90 -13.91 12.49 -12.14
C ALA A 90 -12.67 11.90 -12.82
N GLU A 91 -11.53 12.58 -12.68
CA GLU A 91 -10.31 12.15 -13.38
C GLU A 91 -9.84 10.80 -12.87
N ARG A 92 -9.57 9.90 -13.80
CA ARG A 92 -8.99 8.62 -13.44
C ARG A 92 -7.63 8.83 -12.78
N TRP A 93 -7.41 8.14 -11.67
CA TRP A 93 -6.12 8.18 -10.99
C TRP A 93 -5.75 9.60 -10.58
N GLY A 94 -6.73 10.36 -10.11
CA GLY A 94 -6.46 11.69 -9.60
C GLY A 94 -5.64 11.67 -8.33
N PRO A 95 -5.08 12.83 -7.94
CA PRO A 95 -4.33 12.93 -6.69
C PRO A 95 -5.24 12.65 -5.50
N ARG A 96 -4.64 12.26 -4.38
CA ARG A 96 -5.44 11.92 -3.21
C ARG A 96 -4.71 12.15 -1.90
N THR A 97 -5.50 12.45 -0.87
CA THR A 97 -4.94 12.64 0.47
C THR A 97 -4.38 11.34 1.02
N LEU A 98 -5.03 10.22 0.74
CA LEU A 98 -4.58 8.94 1.27
C LEU A 98 -5.13 7.81 0.42
N ASP A 99 -4.24 6.87 0.09
CA ASP A 99 -4.58 5.67 -0.65
C ASP A 99 -3.97 4.48 0.10
N LEU A 100 -4.83 3.55 0.50
CA LEU A 100 -4.44 2.33 1.20
C LEU A 100 -4.83 1.14 0.34
N ASP A 101 -3.85 0.56 -0.36
CA ASP A 101 -4.10 -0.59 -1.20
C ASP A 101 -3.69 -1.85 -0.47
N ILE A 102 -4.56 -2.85 -0.45
CA ILE A 102 -4.17 -4.13 0.12
C ILE A 102 -3.39 -4.86 -0.95
N MET A 103 -2.07 -4.97 -0.75
CA MET A 103 -1.22 -5.63 -1.74
C MET A 103 -1.37 -7.14 -1.68
N LEU A 104 -1.25 -7.67 -0.47
CA LEU A 104 -1.24 -9.10 -0.22
C LEU A 104 -1.99 -9.38 1.08
N PHE A 105 -2.64 -10.52 1.14
CA PHE A 105 -3.31 -10.98 2.35
C PHE A 105 -2.84 -12.41 2.58
N GLY A 106 -1.74 -12.56 3.30
CA GLY A 106 -1.05 -13.83 3.37
C GLY A 106 -0.79 -14.37 1.97
N ASN A 107 -1.02 -15.67 1.80
CA ASN A 107 -0.89 -16.33 0.52
C ASN A 107 -2.21 -16.37 -0.25
N GLU A 108 -3.21 -15.64 0.23
CA GLU A 108 -4.56 -15.75 -0.33
C GLU A 108 -4.71 -15.08 -1.69
N VAL A 109 -5.55 -15.68 -2.53
CA VAL A 109 -5.95 -15.09 -3.79
C VAL A 109 -7.44 -14.79 -3.65
N ILE A 110 -7.78 -13.52 -3.73
CA ILE A 110 -9.11 -13.05 -3.45
C ILE A 110 -9.64 -12.31 -4.67
N ASN A 111 -10.84 -12.67 -5.07
CA ASN A 111 -11.51 -12.00 -6.18
C ASN A 111 -12.97 -11.81 -5.87
N THR A 112 -13.30 -10.80 -5.06
CA THR A 112 -14.69 -10.49 -4.77
C THR A 112 -15.06 -9.24 -5.54
N GLU A 113 -16.31 -8.80 -5.41
CA GLU A 113 -16.73 -7.59 -6.07
C GLU A 113 -15.92 -6.38 -5.62
N ARG A 114 -15.55 -6.33 -4.35
CA ARG A 114 -14.87 -5.17 -3.80
C ARG A 114 -13.35 -5.27 -3.74
N LEU A 115 -12.84 -6.49 -3.84
CA LEU A 115 -11.45 -6.76 -3.46
C LEU A 115 -10.76 -7.75 -4.39
N THR A 116 -9.63 -7.32 -4.95
CA THR A 116 -8.78 -8.18 -5.77
C THR A 116 -7.37 -8.18 -5.16
N VAL A 117 -6.95 -9.36 -4.70
CA VAL A 117 -5.66 -9.55 -4.05
C VAL A 117 -5.02 -10.81 -4.65
N PRO A 118 -3.73 -10.78 -4.99
CA PRO A 118 -2.78 -9.65 -4.93
C PRO A 118 -3.25 -8.45 -5.73
N HIS A 119 -2.83 -7.26 -5.30
CA HIS A 119 -3.12 -6.06 -6.07
C HIS A 119 -2.71 -6.30 -7.51
N TYR A 120 -3.61 -5.95 -8.44
CA TYR A 120 -3.50 -6.40 -9.82
C TYR A 120 -2.24 -5.94 -10.56
N ASP A 121 -1.63 -4.84 -10.11
CA ASP A 121 -0.50 -4.27 -10.83
C ASP A 121 0.77 -4.13 -9.99
N MET A 122 0.75 -4.65 -8.76
CA MET A 122 1.87 -4.37 -7.85
C MET A 122 3.21 -4.87 -8.38
N LYS A 123 3.23 -5.96 -9.14
CA LYS A 123 4.49 -6.53 -9.62
C LYS A 123 5.16 -5.64 -10.67
N ASN A 124 4.45 -4.59 -11.11
CA ASN A 124 4.99 -3.64 -12.08
C ASN A 124 5.30 -2.27 -11.51
N ARG A 125 5.22 -2.14 -10.19
CA ARG A 125 5.33 -0.82 -9.56
C ARG A 125 6.43 -0.77 -8.52
N GLY A 126 7.53 -0.09 -8.84
CA GLY A 126 8.62 0.03 -7.90
C GLY A 126 8.20 0.69 -6.59
N PHE A 127 7.26 1.63 -6.67
CA PHE A 127 6.83 2.37 -5.49
C PHE A 127 6.03 1.49 -4.51
N MET A 128 5.60 0.32 -4.98
CA MET A 128 5.02 -0.72 -4.11
C MET A 128 6.06 -1.74 -3.70
N LEU A 129 6.84 -2.22 -4.68
CA LEU A 129 7.75 -3.33 -4.42
C LEU A 129 8.95 -2.98 -3.54
N TRP A 130 9.53 -1.80 -3.75
CA TRP A 130 10.71 -1.43 -2.95
C TRP A 130 10.39 -1.30 -1.45
N PRO A 131 9.33 -0.56 -1.08
CA PRO A 131 9.03 -0.51 0.35
C PRO A 131 8.62 -1.89 0.90
N LEU A 132 7.95 -2.69 0.09
CA LEU A 132 7.64 -4.05 0.49
C LEU A 132 8.89 -4.88 0.77
N PHE A 133 9.89 -4.78 -0.11
CA PHE A 133 11.14 -5.51 0.07
C PHE A 133 11.89 -5.05 1.33
N GLU A 134 11.78 -3.77 1.66
CA GLU A 134 12.41 -3.23 2.85
C GLU A 134 11.86 -3.92 4.10
N ILE A 135 10.57 -4.19 4.11
CA ILE A 135 9.95 -4.79 5.30
C ILE A 135 9.79 -6.31 5.26
N ALA A 136 9.89 -6.89 4.07
CA ALA A 136 9.67 -8.33 3.91
C ALA A 136 10.56 -8.86 2.79
N PRO A 137 11.88 -8.84 2.98
CA PRO A 137 12.78 -9.23 1.88
C PRO A 137 12.62 -10.69 1.44
N GLU A 138 12.08 -11.55 2.31
CA GLU A 138 11.91 -12.96 1.98
C GLU A 138 10.58 -13.28 1.32
N LEU A 139 9.79 -12.27 1.00
CA LEU A 139 8.44 -12.49 0.56
C LEU A 139 8.34 -13.33 -0.71
N VAL A 140 7.39 -14.25 -0.69
CA VAL A 140 7.00 -15.05 -1.85
C VAL A 140 5.52 -14.78 -2.12
N PHE A 141 5.19 -14.53 -3.38
CA PHE A 141 3.83 -14.29 -3.83
C PHE A 141 3.01 -15.59 -3.87
N PRO A 142 1.68 -15.48 -3.93
CA PRO A 142 0.87 -16.70 -4.00
C PRO A 142 1.19 -17.61 -5.19
N ASP A 143 1.69 -17.05 -6.29
CA ASP A 143 2.07 -17.86 -7.44
C ASP A 143 3.50 -18.40 -7.37
N GLY A 144 4.14 -18.25 -6.21
CA GLY A 144 5.49 -18.75 -6.01
C GLY A 144 6.59 -17.79 -6.45
N GLU A 145 6.25 -16.69 -7.11
CA GLU A 145 7.29 -15.76 -7.52
C GLU A 145 7.91 -15.09 -6.31
N MET A 146 9.23 -14.94 -6.33
CA MET A 146 9.91 -14.31 -5.20
C MET A 146 10.10 -12.81 -5.42
N LEU A 147 9.80 -12.03 -4.40
CA LEU A 147 10.00 -10.60 -4.48
C LEU A 147 11.45 -10.24 -4.82
N ARG A 148 12.40 -10.93 -4.20
CA ARG A 148 13.81 -10.65 -4.49
C ARG A 148 14.14 -10.86 -5.96
N GLN A 149 13.53 -11.87 -6.57
CA GLN A 149 13.83 -12.22 -7.95
C GLN A 149 13.25 -11.18 -8.91
N ILE A 150 12.05 -10.70 -8.61
CA ILE A 150 11.45 -9.63 -9.41
C ILE A 150 12.35 -8.39 -9.38
N LEU A 151 12.77 -8.00 -8.17
CA LEU A 151 13.58 -6.80 -8.04
C LEU A 151 15.00 -6.96 -8.58
N HIS A 152 15.49 -8.20 -8.64
CA HIS A 152 16.80 -8.45 -9.22
C HIS A 152 16.76 -8.35 -10.75
N THR A 153 15.67 -8.84 -11.33
CA THR A 153 15.54 -9.03 -12.78
CA THR A 153 15.58 -9.00 -12.78
C THR A 153 14.98 -7.82 -13.52
N ARG A 154 13.96 -7.20 -12.93
CA ARG A 154 13.20 -6.17 -13.63
C ARG A 154 13.75 -4.77 -13.41
N ALA A 155 13.74 -3.98 -14.47
CA ALA A 155 14.19 -2.61 -14.37
C ALA A 155 13.14 -1.78 -13.65
N PHE A 156 13.53 -1.28 -12.49
CA PHE A 156 12.74 -0.31 -11.78
C PHE A 156 13.66 0.82 -11.40
N ASP A 157 13.14 2.04 -11.42
CA ASP A 157 13.89 3.18 -10.94
C ASP A 157 14.14 3.06 -9.45
N LYS A 158 15.35 3.46 -9.06
CA LYS A 158 15.73 3.57 -7.66
C LYS A 158 14.74 4.53 -6.97
N LEU A 159 14.30 4.17 -5.78
CA LEU A 159 13.45 5.07 -4.99
C LEU A 159 14.34 5.93 -4.14
N ASN A 160 13.93 7.18 -3.95
CA ASN A 160 14.59 8.05 -3.00
C ASN A 160 13.73 8.23 -1.77
N LYS A 161 14.35 8.22 -0.60
CA LYS A 161 13.60 8.42 0.63
C LYS A 161 13.10 9.86 0.74
N TRP A 162 11.98 10.02 1.45
CA TRP A 162 11.31 11.30 1.63
C TRP A 162 12.21 12.27 2.40
#